data_7OHE
#
_entry.id   7OHE
#
_entity_poly.entity_id   1
_entity_poly.type   'polydeoxyribonucleotide'
_entity_poly.pdbx_seq_one_letter_code
;(DC)(DG)(DC)(DG)(DT)(DC)(DG)(DA)(DC)(DG)(DC)(DG)
;
_entity_poly.pdbx_strand_id   A,B
#